data_6BNT
#
_entry.id   6BNT
#
_cell.length_a   125.334
_cell.length_b   125.334
_cell.length_c   74.818
_cell.angle_alpha   90.00
_cell.angle_beta   90.00
_cell.angle_gamma   120.00
#
_symmetry.space_group_name_H-M   'P 64'
#
loop_
_entity.id
_entity.type
_entity.pdbx_description
1 polymer 'AP-2 complex subunit mu'
2 polymer 'Insulin receptor substrate 1'
3 water water
#
loop_
_entity_poly.entity_id
_entity_poly.type
_entity_poly.pdbx_seq_one_letter_code
_entity_poly.pdbx_strand_id
1 'polypeptide(L)'
;MGSSHHHHHHSSGLVPRGSHMASMTGGQQMGRGSEFGRPGWRREGIKYRRNELFLDVLESVNLLMSPQGQVLSAHVSGRV
VMKSYLSGMPECKFGMNDKIVIEKQGKGTADETSKSGKQSIAIDDCTFHQCVRLSKFDSERSISFIPPDGEFELMRYRTT
KDIILPFRVIPLVREVGRTKLEVKVVIKSNFKPSLLAQKIEVRIPTPLNTSGVQVICMKGKAKYKASENAIVWKIKRMAG
MKESQISAEIELLPTNDKKKWARPPISMNFEVPFAPSGLKVRYLKVFEPKLNYSDHDVIKWVRYIGRSGIYETRC
;
A
2 'polypeptide(L)' CHTDDGYMPM(SEP)PGVA B
#
# COMPACT_ATOMS: atom_id res chain seq x y z
N TRP A 41 -13.38 -29.16 -8.18
CA TRP A 41 -12.46 -29.06 -7.04
C TRP A 41 -13.16 -29.21 -5.68
N ARG A 42 -14.01 -28.25 -5.35
CA ARG A 42 -14.70 -28.11 -4.07
C ARG A 42 -15.76 -29.20 -3.90
N ARG A 43 -15.49 -30.16 -3.00
CA ARG A 43 -16.38 -31.28 -2.69
C ARG A 43 -17.74 -30.79 -2.19
N GLU A 44 -18.67 -31.72 -1.93
CA GLU A 44 -20.04 -31.32 -1.61
C GLU A 44 -20.39 -31.40 -0.13
N GLY A 45 -19.69 -32.23 0.64
CA GLY A 45 -19.99 -32.36 2.06
C GLY A 45 -19.20 -31.41 2.95
N ILE A 46 -19.61 -30.14 2.98
CA ILE A 46 -18.92 -29.11 3.75
C ILE A 46 -19.91 -28.52 4.72
N LYS A 47 -19.68 -28.74 6.02
CA LYS A 47 -20.55 -28.23 7.07
C LYS A 47 -19.71 -27.57 8.16
N TYR A 48 -20.14 -26.39 8.60
CA TYR A 48 -19.39 -25.58 9.56
C TYR A 48 -20.30 -25.10 10.66
N ARG A 49 -19.77 -25.07 11.89
CA ARG A 49 -20.51 -24.45 12.99
C ARG A 49 -20.70 -22.97 12.72
N ARG A 50 -19.60 -22.22 12.58
CA ARG A 50 -19.63 -20.79 12.29
C ARG A 50 -19.41 -20.62 10.79
N ASN A 51 -20.36 -20.00 10.08
CA ASN A 51 -20.18 -19.74 8.64
C ASN A 51 -19.58 -18.36 8.41
N GLU A 52 -18.27 -18.31 8.35
CA GLU A 52 -17.53 -17.05 8.33
C GLU A 52 -16.87 -16.87 6.97
N LEU A 53 -16.59 -15.60 6.62
CA LEU A 53 -15.71 -15.29 5.49
C LEU A 53 -14.95 -14.02 5.82
N PHE A 54 -13.75 -13.89 5.23
CA PHE A 54 -12.87 -12.75 5.44
C PHE A 54 -12.41 -12.24 4.07
N LEU A 55 -12.69 -10.97 3.77
CA LEU A 55 -12.33 -10.35 2.49
C LEU A 55 -11.12 -9.45 2.64
N ASP A 56 -10.07 -9.76 1.90
CA ASP A 56 -8.81 -9.02 1.90
C ASP A 56 -8.65 -8.26 0.61
N VAL A 57 -8.57 -6.93 0.69
CA VAL A 57 -8.27 -6.11 -0.47
C VAL A 57 -6.82 -5.63 -0.34
N LEU A 58 -5.97 -6.14 -1.22
CA LEU A 58 -4.54 -5.97 -1.14
C LEU A 58 -4.12 -5.09 -2.31
N GLU A 59 -3.67 -3.89 -2.01
CA GLU A 59 -3.25 -2.96 -3.04
C GLU A 59 -1.81 -2.53 -2.85
N SER A 60 -1.20 -2.24 -3.97
CA SER A 60 0.21 -1.92 -4.06
C SER A 60 0.28 -0.66 -4.92
N VAL A 61 0.53 0.49 -4.28
CA VAL A 61 0.50 1.79 -4.95
C VAL A 61 1.90 2.20 -5.38
N ASN A 62 2.05 2.57 -6.65
CA ASN A 62 3.33 2.90 -7.25
C ASN A 62 3.29 4.33 -7.76
N LEU A 63 4.36 5.08 -7.49
CA LEU A 63 4.40 6.51 -7.73
C LEU A 63 5.83 6.96 -7.97
N LEU A 64 6.00 7.83 -8.96
CA LEU A 64 7.25 8.52 -9.26
C LEU A 64 6.89 9.99 -9.33
N MET A 65 7.48 10.81 -8.45
CA MET A 65 7.15 12.23 -8.42
C MET A 65 8.39 13.04 -8.72
N SER A 66 8.17 14.30 -9.12
CA SER A 66 9.27 15.24 -9.32
C SER A 66 9.63 15.87 -7.99
N PRO A 67 10.79 16.54 -7.89
CA PRO A 67 11.09 17.26 -6.64
C PRO A 67 10.11 18.39 -6.43
N GLN A 68 9.77 19.08 -7.53
CA GLN A 68 8.67 20.05 -7.56
C GLN A 68 7.41 19.50 -6.89
N GLY A 69 7.02 18.28 -7.28
CA GLY A 69 5.86 17.64 -6.69
C GLY A 69 4.86 17.20 -7.73
N GLN A 70 5.29 17.19 -9.01
CA GLN A 70 4.43 16.71 -10.08
C GLN A 70 4.51 15.20 -10.16
N VAL A 71 3.35 14.56 -10.30
CA VAL A 71 3.31 13.13 -10.54
C VAL A 71 3.87 12.84 -11.92
N LEU A 72 4.85 11.94 -12.00
CA LEU A 72 5.42 11.54 -13.29
C LEU A 72 4.98 10.15 -13.73
N SER A 73 4.38 9.36 -12.85
CA SER A 73 3.94 7.99 -13.07
C SER A 73 3.29 7.49 -11.79
N ALA A 74 2.16 6.80 -11.93
CA ALA A 74 1.44 6.32 -10.75
C ALA A 74 0.41 5.31 -11.21
N HIS A 75 0.40 4.15 -10.55
CA HIS A 75 -0.60 3.14 -10.82
C HIS A 75 -0.79 2.33 -9.54
N VAL A 76 -1.85 1.53 -9.51
CA VAL A 76 -2.09 0.65 -8.38
C VAL A 76 -2.32 -0.75 -8.90
N SER A 77 -1.55 -1.72 -8.41
CA SER A 77 -1.84 -3.11 -8.65
C SER A 77 -2.67 -3.61 -7.48
N GLY A 78 -3.67 -4.44 -7.76
CA GLY A 78 -4.55 -4.91 -6.72
C GLY A 78 -4.93 -6.37 -6.89
N ARG A 79 -5.33 -6.97 -5.78
CA ARG A 79 -5.97 -8.27 -5.80
C ARG A 79 -6.90 -8.38 -4.61
N VAL A 80 -7.91 -9.24 -4.75
CA VAL A 80 -8.90 -9.51 -3.70
C VAL A 80 -8.78 -10.99 -3.36
N VAL A 81 -8.48 -11.29 -2.10
CA VAL A 81 -8.32 -12.67 -1.64
C VAL A 81 -9.40 -12.98 -0.63
N MET A 82 -10.03 -14.14 -0.80
CA MET A 82 -11.14 -14.56 0.03
C MET A 82 -10.70 -15.72 0.90
N LYS A 83 -10.98 -15.63 2.20
CA LYS A 83 -10.78 -16.73 3.12
C LYS A 83 -12.14 -16.98 3.76
N SER A 84 -12.77 -18.12 3.42
CA SER A 84 -14.14 -18.40 3.80
C SER A 84 -14.31 -19.82 4.32
N TYR A 85 -15.25 -19.98 5.28
CA TYR A 85 -15.66 -21.28 5.84
C TYR A 85 -17.18 -21.27 5.86
N LEU A 86 -17.76 -21.64 4.72
CA LEU A 86 -19.21 -21.63 4.52
C LEU A 86 -19.66 -23.05 4.18
N SER A 87 -20.84 -23.41 4.65
CA SER A 87 -21.34 -24.77 4.46
C SER A 87 -22.07 -24.88 3.13
N GLY A 88 -21.86 -26.00 2.45
CA GLY A 88 -22.65 -26.30 1.27
C GLY A 88 -21.94 -26.00 -0.04
N MET A 89 -22.69 -25.49 -1.02
CA MET A 89 -22.16 -25.06 -2.32
C MET A 89 -22.67 -23.66 -2.58
N PRO A 90 -22.08 -22.66 -1.93
CA PRO A 90 -22.64 -21.31 -1.98
C PRO A 90 -22.47 -20.60 -3.30
N GLU A 91 -23.48 -19.80 -3.63
CA GLU A 91 -23.43 -18.84 -4.72
C GLU A 91 -23.06 -17.48 -4.15
N CYS A 92 -21.95 -16.91 -4.59
CA CYS A 92 -21.44 -15.68 -4.01
C CYS A 92 -21.45 -14.57 -5.03
N LYS A 93 -22.18 -13.49 -4.71
CA LYS A 93 -22.14 -12.24 -5.46
C LYS A 93 -21.20 -11.29 -4.73
N PHE A 94 -20.11 -10.91 -5.38
CA PHE A 94 -19.19 -9.89 -4.87
C PHE A 94 -19.51 -8.53 -5.49
N GLY A 95 -19.75 -7.53 -4.65
CA GLY A 95 -20.10 -6.21 -5.14
C GLY A 95 -19.29 -5.04 -4.63
N MET A 96 -18.74 -4.26 -5.55
CA MET A 96 -17.89 -3.12 -5.23
C MET A 96 -18.45 -1.84 -5.86
N ASN A 97 -17.63 -0.80 -5.93
CA ASN A 97 -18.00 0.44 -6.60
C ASN A 97 -17.11 0.62 -7.83
N ASP A 98 -17.37 -0.21 -8.84
CA ASP A 98 -16.61 -0.19 -10.10
C ASP A 98 -16.55 1.22 -10.70
N SER A 120 -17.96 5.62 -7.05
CA SER A 120 -17.44 4.72 -8.09
C SER A 120 -15.94 4.91 -8.29
N ILE A 121 -15.30 3.97 -9.02
CA ILE A 121 -13.87 4.07 -9.32
C ILE A 121 -13.61 3.49 -10.70
N ALA A 122 -12.48 3.90 -11.29
CA ALA A 122 -12.10 3.48 -12.64
C ALA A 122 -11.05 2.38 -12.55
N ILE A 123 -11.47 1.14 -12.80
CA ILE A 123 -10.59 -0.04 -12.86
C ILE A 123 -10.15 -0.25 -14.31
N ASP A 124 -8.84 -0.42 -14.53
CA ASP A 124 -8.24 -0.31 -15.86
C ASP A 124 -7.91 -1.65 -16.53
N ASP A 125 -7.98 -2.78 -15.81
CA ASP A 125 -8.00 -4.15 -16.34
C ASP A 125 -8.01 -5.11 -15.16
N CYS A 126 -8.24 -6.40 -15.45
CA CYS A 126 -8.29 -7.45 -14.44
C CYS A 126 -8.39 -8.84 -15.07
N THR A 127 -7.84 -9.84 -14.36
CA THR A 127 -7.95 -11.26 -14.67
C THR A 127 -8.67 -11.96 -13.51
N PHE A 128 -9.53 -12.94 -13.82
CA PHE A 128 -10.31 -13.62 -12.78
C PHE A 128 -9.83 -15.04 -12.54
N HIS A 129 -10.35 -15.61 -11.45
CA HIS A 129 -10.28 -17.03 -11.18
C HIS A 129 -11.39 -17.76 -11.95
N GLN A 130 -11.20 -19.06 -12.17
CA GLN A 130 -11.91 -19.77 -13.23
C GLN A 130 -13.39 -20.05 -12.94
N CYS A 131 -13.88 -19.84 -11.72
CA CYS A 131 -15.29 -20.10 -11.42
C CYS A 131 -16.13 -18.83 -11.36
N VAL A 132 -15.86 -17.85 -12.23
CA VAL A 132 -16.53 -16.56 -12.20
C VAL A 132 -17.53 -16.47 -13.34
N ARG A 133 -18.80 -16.19 -13.01
CA ARG A 133 -19.80 -15.85 -14.01
C ARG A 133 -19.61 -14.36 -14.32
N LEU A 134 -19.03 -14.09 -15.49
CA LEU A 134 -18.56 -12.76 -15.84
C LEU A 134 -19.66 -11.70 -15.67
N SER A 135 -20.78 -11.89 -16.36
CA SER A 135 -21.92 -10.96 -16.30
C SER A 135 -22.61 -10.92 -14.93
N GLU A 140 -25.02 -2.75 -11.60
CA GLU A 140 -23.85 -3.12 -12.38
C GLU A 140 -23.82 -4.60 -12.73
N ARG A 141 -23.04 -4.96 -13.75
CA ARG A 141 -22.51 -6.31 -13.82
C ARG A 141 -21.38 -6.37 -12.80
N SER A 142 -21.53 -7.28 -11.83
CA SER A 142 -20.49 -7.61 -10.86
C SER A 142 -20.11 -9.08 -11.00
N ILE A 143 -19.69 -9.70 -9.90
CA ILE A 143 -19.08 -11.02 -9.96
C ILE A 143 -19.89 -11.98 -9.11
N SER A 144 -20.34 -13.06 -9.74
CA SER A 144 -20.93 -14.20 -9.06
C SER A 144 -20.00 -15.40 -9.21
N PHE A 145 -19.98 -16.25 -8.18
CA PHE A 145 -19.00 -17.33 -8.14
C PHE A 145 -19.32 -18.29 -6.99
N ILE A 146 -18.82 -19.51 -7.13
CA ILE A 146 -18.91 -20.54 -6.10
C ILE A 146 -17.51 -20.79 -5.59
N PRO A 147 -17.21 -20.39 -4.36
CA PRO A 147 -15.82 -20.28 -3.92
C PRO A 147 -15.29 -21.59 -3.40
N PRO A 148 -14.03 -21.92 -3.71
CA PRO A 148 -13.39 -23.05 -3.07
C PRO A 148 -13.32 -22.87 -1.57
N ASP A 149 -13.39 -23.96 -0.84
CA ASP A 149 -13.19 -23.88 0.60
C ASP A 149 -11.73 -23.54 0.89
N GLY A 150 -11.53 -22.76 1.95
CA GLY A 150 -10.20 -22.32 2.33
C GLY A 150 -9.94 -20.90 1.85
N GLU A 151 -8.83 -20.71 1.15
CA GLU A 151 -8.41 -19.37 0.78
C GLU A 151 -8.02 -19.34 -0.68
N PHE A 152 -8.53 -18.35 -1.41
CA PHE A 152 -8.28 -18.25 -2.85
C PHE A 152 -8.44 -16.80 -3.29
N GLU A 153 -7.79 -16.48 -4.42
CA GLU A 153 -7.78 -15.14 -5.00
C GLU A 153 -8.93 -14.97 -5.98
N LEU A 154 -9.80 -14.04 -5.68
CA LEU A 154 -11.02 -13.83 -6.46
C LEU A 154 -10.73 -13.12 -7.77
N MET A 155 -10.21 -11.89 -7.71
CA MET A 155 -9.92 -11.07 -8.87
C MET A 155 -8.61 -10.32 -8.64
N ARG A 156 -8.12 -9.71 -9.72
CA ARG A 156 -6.79 -9.09 -9.71
C ARG A 156 -6.80 -7.95 -10.73
N TYR A 157 -6.76 -6.71 -10.27
CA TYR A 157 -7.03 -5.54 -11.09
C TYR A 157 -5.85 -4.55 -11.06
N ARG A 158 -6.02 -3.45 -11.81
CA ARG A 158 -4.99 -2.42 -11.94
C ARG A 158 -5.67 -1.07 -12.21
N THR A 159 -5.13 0.00 -11.62
CA THR A 159 -5.75 1.33 -11.62
C THR A 159 -4.71 2.39 -11.94
N THR A 160 -5.13 3.43 -12.67
CA THR A 160 -4.25 4.59 -12.88
C THR A 160 -4.90 5.92 -12.60
N LYS A 161 -6.22 6.00 -12.44
CA LYS A 161 -6.92 7.27 -12.30
C LYS A 161 -7.43 7.46 -10.89
N ASP A 162 -7.31 8.69 -10.39
CA ASP A 162 -7.98 9.13 -9.16
C ASP A 162 -7.46 8.33 -7.96
N ILE A 163 -6.14 8.25 -7.87
CA ILE A 163 -5.43 7.44 -6.89
C ILE A 163 -5.06 8.31 -5.69
N ILE A 164 -5.30 7.80 -4.49
CA ILE A 164 -4.91 8.51 -3.27
C ILE A 164 -3.42 8.28 -3.02
N LEU A 165 -2.63 9.35 -2.95
CA LEU A 165 -1.20 9.14 -2.74
C LEU A 165 -0.88 9.35 -1.28
N PRO A 166 -0.82 8.30 -0.46
CA PRO A 166 -0.87 8.48 1.00
C PRO A 166 0.20 9.38 1.58
N PHE A 167 1.32 9.60 0.88
CA PHE A 167 2.40 10.43 1.43
C PHE A 167 3.01 11.33 0.37
N ARG A 168 3.32 12.56 0.76
CA ARG A 168 4.12 13.47 -0.06
C ARG A 168 5.51 13.55 0.57
N VAL A 169 6.54 13.49 -0.26
CA VAL A 169 7.92 13.53 0.22
C VAL A 169 8.59 14.75 -0.36
N ILE A 170 8.97 15.67 0.51
CA ILE A 170 9.45 16.95 0.02
C ILE A 170 10.92 17.04 0.39
N PRO A 171 11.81 16.93 -0.57
CA PRO A 171 13.25 16.95 -0.28
C PRO A 171 13.89 18.30 -0.53
N LEU A 172 14.96 18.58 0.21
CA LEU A 172 15.62 19.88 0.14
C LEU A 172 17.12 19.68 0.35
N VAL A 173 17.94 20.11 -0.60
CA VAL A 173 19.37 19.85 -0.52
C VAL A 173 20.20 21.11 -0.76
N ARG A 174 21.20 21.32 0.09
CA ARG A 174 21.99 22.55 0.14
C ARG A 174 23.46 22.17 0.20
N GLU A 175 24.19 22.40 -0.88
CA GLU A 175 25.61 22.11 -0.88
C GLU A 175 26.34 23.09 0.01
N VAL A 176 27.47 22.65 0.54
CA VAL A 176 28.26 23.50 1.43
C VAL A 176 29.72 23.32 1.05
N GLY A 177 30.20 24.18 0.16
CA GLY A 177 31.55 24.03 -0.33
C GLY A 177 31.69 22.70 -1.04
N ARG A 178 32.63 21.90 -0.57
CA ARG A 178 32.74 20.51 -1.01
C ARG A 178 32.82 19.56 0.18
N THR A 179 32.52 20.04 1.39
CA THR A 179 32.68 19.29 2.63
C THR A 179 31.37 18.70 3.10
N LYS A 180 30.35 19.54 3.18
CA LYS A 180 29.06 19.21 3.76
C LYS A 180 27.99 19.12 2.67
N LEU A 181 26.88 18.51 3.05
CA LEU A 181 25.64 18.52 2.28
C LEU A 181 24.50 18.67 3.26
N GLU A 182 23.65 19.66 3.06
CA GLU A 182 22.58 19.91 4.01
C GLU A 182 21.31 19.34 3.44
N VAL A 183 20.67 18.45 4.19
CA VAL A 183 19.54 17.71 3.68
C VAL A 183 18.39 17.79 4.68
N LYS A 184 17.20 18.14 4.17
CA LYS A 184 15.98 18.16 4.94
C LYS A 184 14.93 17.42 4.13
N VAL A 185 14.23 16.48 4.75
CA VAL A 185 13.19 15.72 4.06
C VAL A 185 11.95 15.67 4.95
N VAL A 186 10.81 16.02 4.36
CA VAL A 186 9.54 16.15 5.03
C VAL A 186 8.58 15.17 4.39
N ILE A 187 7.86 14.41 5.20
CA ILE A 187 6.81 13.54 4.73
C ILE A 187 5.48 14.13 5.21
N LYS A 188 4.51 14.20 4.30
CA LYS A 188 3.17 14.71 4.59
C LYS A 188 2.18 13.58 4.39
N SER A 189 1.60 13.08 5.48
CA SER A 189 0.55 12.07 5.37
C SER A 189 -0.71 12.73 4.88
N ASN A 190 -1.48 12.00 4.09
CA ASN A 190 -2.59 12.60 3.38
C ASN A 190 -3.75 11.60 3.35
N PHE A 191 -4.45 11.49 4.48
CA PHE A 191 -5.62 10.63 4.55
C PHE A 191 -6.36 10.97 5.83
N LYS A 192 -7.49 10.28 6.05
CA LYS A 192 -8.28 10.42 7.26
C LYS A 192 -7.37 10.39 8.51
N PRO A 193 -7.36 11.46 9.32
CA PRO A 193 -6.55 11.44 10.56
C PRO A 193 -7.01 10.42 11.54
N SER A 194 -8.25 9.96 11.43
CA SER A 194 -8.70 8.82 12.21
C SER A 194 -7.86 7.58 11.93
N LEU A 195 -7.18 7.54 10.79
CA LEU A 195 -6.48 6.38 10.27
C LEU A 195 -4.98 6.50 10.52
N LEU A 196 -4.34 5.36 10.75
CA LEU A 196 -2.91 5.30 11.04
C LEU A 196 -2.17 4.55 9.92
N ALA A 197 -1.23 5.22 9.28
CA ALA A 197 -0.24 4.48 8.51
C ALA A 197 0.75 3.86 9.47
N GLN A 198 1.32 2.74 9.07
CA GLN A 198 2.29 2.07 9.92
C GLN A 198 3.28 1.33 9.04
N LYS A 199 4.40 0.94 9.66
CA LYS A 199 5.55 0.34 8.97
C LYS A 199 6.15 1.32 7.97
N ILE A 200 6.40 2.55 8.42
CA ILE A 200 6.84 3.63 7.55
C ILE A 200 8.36 3.69 7.50
N GLU A 201 8.93 3.62 6.30
CA GLU A 201 10.37 3.75 6.14
C GLU A 201 10.70 4.72 5.02
N VAL A 202 11.69 5.56 5.24
CA VAL A 202 12.11 6.54 4.24
C VAL A 202 13.59 6.32 4.00
N ARG A 203 13.95 6.20 2.72
CA ARG A 203 15.27 5.81 2.30
C ARG A 203 15.89 7.00 1.60
N ILE A 204 17.01 7.48 2.13
CA ILE A 204 17.69 8.62 1.52
C ILE A 204 19.09 8.21 1.12
N PRO A 205 19.40 8.14 -0.15
CA PRO A 205 20.74 7.72 -0.53
C PRO A 205 21.75 8.84 -0.26
N THR A 206 22.91 8.43 0.19
CA THR A 206 24.12 9.22 0.34
C THR A 206 25.04 9.00 -0.84
N PRO A 207 25.99 9.91 -1.09
CA PRO A 207 27.02 9.64 -2.10
C PRO A 207 27.98 8.58 -1.65
N LEU A 208 28.90 8.24 -2.54
CA LEU A 208 29.83 7.15 -2.24
C LEU A 208 31.01 7.64 -1.43
N ASN A 209 31.40 8.92 -1.65
CA ASN A 209 32.50 9.53 -0.94
C ASN A 209 31.99 10.16 0.35
N THR A 210 30.90 9.63 0.91
CA THR A 210 30.46 10.05 2.23
C THR A 210 31.50 9.67 3.27
N SER A 211 32.01 10.66 3.99
CA SER A 211 32.85 10.40 5.14
C SER A 211 32.04 10.14 6.39
N GLY A 212 30.89 10.78 6.55
CA GLY A 212 30.08 10.53 7.73
C GLY A 212 28.80 11.33 7.68
N VAL A 213 27.86 10.91 8.52
CA VAL A 213 26.50 11.45 8.49
C VAL A 213 26.01 11.72 9.91
N GLN A 214 25.43 12.92 10.09
CA GLN A 214 24.76 13.33 11.32
C GLN A 214 23.30 13.54 10.99
N VAL A 215 22.39 12.99 11.80
CA VAL A 215 20.96 13.20 11.54
C VAL A 215 20.22 13.56 12.81
N ILE A 216 19.07 14.23 12.63
CA ILE A 216 18.12 14.50 13.70
C ILE A 216 16.72 14.24 13.17
N CYS A 217 15.88 13.57 13.97
CA CYS A 217 14.46 13.55 13.66
C CYS A 217 13.64 13.45 14.94
N MET A 218 12.52 14.19 14.95
CA MET A 218 11.66 14.26 16.12
C MET A 218 10.88 12.96 16.32
N LYS A 219 10.38 12.40 15.23
CA LYS A 219 9.61 11.15 15.22
C LYS A 219 10.46 10.03 14.68
N GLY A 220 10.31 8.84 15.26
CA GLY A 220 10.99 7.64 14.78
C GLY A 220 12.50 7.70 14.94
N LYS A 221 13.16 6.74 14.30
CA LYS A 221 14.60 6.57 14.42
C LYS A 221 15.24 6.55 13.04
N ALA A 222 16.56 6.83 13.01
CA ALA A 222 17.31 6.92 11.75
C ALA A 222 18.76 6.53 12.00
N LYS A 223 19.29 5.64 11.16
CA LYS A 223 20.73 5.39 11.09
C LYS A 223 21.19 5.64 9.67
N TYR A 224 22.48 5.95 9.53
CA TYR A 224 23.16 5.90 8.24
C TYR A 224 23.74 4.52 8.05
N LYS A 225 23.30 3.83 6.99
CA LYS A 225 23.85 2.52 6.63
C LYS A 225 24.81 2.73 5.46
N ALA A 226 26.10 2.52 5.75
CA ALA A 226 27.12 2.76 4.73
C ALA A 226 27.23 1.58 3.76
N SER A 227 27.08 0.35 4.29
CA SER A 227 26.96 -0.83 3.44
C SER A 227 25.97 -0.62 2.30
N GLU A 228 24.91 0.17 2.55
CA GLU A 228 23.84 0.45 1.61
C GLU A 228 23.89 1.86 1.01
N ASN A 229 24.70 2.77 1.56
CA ASN A 229 24.73 4.18 1.11
C ASN A 229 23.34 4.80 1.09
N ALA A 230 22.68 4.71 2.23
CA ALA A 230 21.38 5.34 2.45
C ALA A 230 21.29 5.71 3.93
N ILE A 231 20.58 6.79 4.20
CA ILE A 231 20.03 7.01 5.52
C ILE A 231 18.67 6.36 5.54
N VAL A 232 18.44 5.50 6.52
CA VAL A 232 17.17 4.80 6.66
C VAL A 232 16.49 5.34 7.90
N TRP A 233 15.38 6.04 7.68
CA TRP A 233 14.52 6.59 8.72
C TRP A 233 13.27 5.73 8.83
N LYS A 234 12.94 5.29 10.05
CA LYS A 234 11.80 4.40 10.31
C LYS A 234 10.83 4.99 11.33
N ILE A 235 9.53 4.85 11.06
CA ILE A 235 8.48 5.45 11.89
C ILE A 235 7.37 4.43 12.09
N LYS A 236 7.13 4.05 13.35
CA LYS A 236 6.22 2.94 13.65
C LYS A 236 4.80 3.26 13.22
N ARG A 237 4.30 4.45 13.53
CA ARG A 237 2.94 4.79 13.11
C ARG A 237 2.88 6.28 12.85
N MET A 238 1.87 6.69 12.09
CA MET A 238 1.67 8.11 11.83
C MET A 238 0.29 8.37 11.24
N ALA A 239 -0.44 9.32 11.84
CA ALA A 239 -1.83 9.53 11.48
C ALA A 239 -1.96 10.44 10.27
N GLY A 240 -3.12 10.34 9.62
CA GLY A 240 -3.36 11.14 8.43
C GLY A 240 -3.26 12.62 8.69
N MET A 241 -3.05 13.36 7.61
CA MET A 241 -2.86 14.80 7.65
C MET A 241 -1.92 15.19 8.79
N LYS A 242 -0.62 14.93 8.64
CA LYS A 242 0.37 15.27 9.63
C LYS A 242 1.67 15.59 8.88
N GLU A 243 2.71 15.92 9.64
CA GLU A 243 4.02 16.14 9.06
C GLU A 243 5.06 15.59 10.02
N SER A 244 6.13 15.06 9.44
CA SER A 244 7.35 14.75 10.17
C SER A 244 8.47 15.15 9.24
N GLN A 245 9.59 15.56 9.81
CA GLN A 245 10.72 15.86 8.96
C GLN A 245 11.98 15.30 9.60
N ILE A 246 12.99 15.11 8.76
CA ILE A 246 14.30 14.65 9.19
C ILE A 246 15.34 15.56 8.56
N SER A 247 16.50 15.65 9.20
CA SER A 247 17.55 16.55 8.76
C SER A 247 18.90 15.88 8.94
N ALA A 248 19.73 15.93 7.88
CA ALA A 248 21.04 15.31 7.94
C ALA A 248 22.10 16.28 7.45
N GLU A 249 23.29 16.16 8.02
CA GLU A 249 24.50 16.80 7.53
C GLU A 249 25.42 15.72 7.02
N ILE A 250 25.67 15.72 5.71
CA ILE A 250 26.42 14.67 5.06
C ILE A 250 27.83 15.22 4.82
N GLU A 251 28.76 14.61 5.55
CA GLU A 251 30.17 14.95 5.48
C GLU A 251 30.80 14.17 4.35
N LEU A 252 31.49 14.88 3.45
CA LEU A 252 31.98 14.35 2.19
C LEU A 252 33.50 14.22 2.18
N LEU A 253 33.98 13.14 1.57
CA LEU A 253 35.37 13.02 1.16
C LEU A 253 35.57 13.73 -0.17
N PRO A 254 36.80 13.87 -0.64
CA PRO A 254 37.01 14.39 -2.00
C PRO A 254 36.95 13.26 -3.03
N THR A 255 36.58 13.62 -4.26
CA THR A 255 36.49 12.64 -5.34
C THR A 255 36.67 13.35 -6.68
N ASN A 256 36.49 12.60 -7.76
CA ASN A 256 36.69 13.11 -9.12
C ASN A 256 35.62 14.15 -9.48
N ASP A 257 36.02 15.43 -9.45
CA ASP A 257 35.09 16.56 -9.41
C ASP A 257 34.32 16.75 -10.72
N LYS A 258 34.90 16.34 -11.85
CA LYS A 258 34.17 16.42 -13.12
C LYS A 258 32.96 15.49 -13.10
N LYS A 259 33.11 14.35 -12.45
CA LYS A 259 32.00 13.44 -12.23
C LYS A 259 31.16 13.97 -11.08
N LYS A 260 30.04 14.65 -11.40
CA LYS A 260 29.09 15.12 -10.39
C LYS A 260 28.23 13.96 -9.88
N TRP A 261 27.45 14.22 -8.81
CA TRP A 261 26.61 13.20 -8.18
C TRP A 261 25.18 13.37 -8.65
N ALA A 262 24.73 12.46 -9.53
CA ALA A 262 23.32 12.37 -9.88
C ALA A 262 22.55 11.84 -8.67
N ARG A 263 21.59 12.64 -8.16
CA ARG A 263 20.81 12.38 -6.94
C ARG A 263 19.77 11.27 -7.09
N PRO A 264 20.07 10.03 -6.68
CA PRO A 264 19.06 8.96 -6.75
C PRO A 264 17.82 9.35 -5.97
N PRO A 265 16.66 8.81 -6.32
CA PRO A 265 15.43 9.25 -5.68
C PRO A 265 15.36 8.86 -4.22
N ILE A 266 14.49 9.54 -3.51
CA ILE A 266 14.16 9.14 -2.16
C ILE A 266 12.97 8.21 -2.23
N SER A 267 13.07 7.04 -1.60
CA SER A 267 12.01 6.05 -1.66
C SER A 267 11.42 5.83 -0.28
N MET A 268 10.13 5.47 -0.28
CA MET A 268 9.36 5.33 0.94
C MET A 268 8.72 3.96 0.94
N ASN A 269 8.51 3.43 2.12
CA ASN A 269 7.66 2.26 2.28
C ASN A 269 6.69 2.56 3.40
N PHE A 270 5.44 2.16 3.22
CA PHE A 270 4.41 2.41 4.22
C PHE A 270 3.34 1.34 4.07
N GLU A 271 2.41 1.31 5.03
CA GLU A 271 1.23 0.45 5.00
C GLU A 271 0.03 1.23 5.51
N VAL A 272 -1.12 1.10 4.84
CA VAL A 272 -2.27 1.93 5.19
C VAL A 272 -3.58 1.15 5.19
N PRO A 273 -4.40 1.30 6.23
CA PRO A 273 -5.66 0.58 6.33
C PRO A 273 -6.75 0.99 5.34
N PHE A 274 -6.36 1.45 4.17
CA PHE A 274 -7.35 1.72 3.13
C PHE A 274 -6.75 1.36 1.78
N ALA A 275 -7.60 1.25 0.78
CA ALA A 275 -7.13 1.06 -0.59
C ALA A 275 -6.84 2.41 -1.22
N PRO A 276 -5.60 2.68 -1.65
CA PRO A 276 -5.33 3.97 -2.31
C PRO A 276 -6.05 4.13 -3.66
N SER A 277 -6.62 3.05 -4.22
CA SER A 277 -7.40 3.20 -5.45
C SER A 277 -8.86 3.56 -5.18
N GLY A 278 -9.26 3.63 -3.91
CA GLY A 278 -10.61 4.03 -3.60
C GLY A 278 -11.64 2.97 -3.86
N LEU A 279 -11.24 1.81 -4.37
CA LEU A 279 -12.13 0.65 -4.35
C LEU A 279 -12.72 0.44 -2.97
N LYS A 280 -14.02 0.23 -2.92
CA LYS A 280 -14.71 -0.19 -1.71
C LYS A 280 -15.45 -1.47 -2.04
N VAL A 281 -15.84 -2.20 -1.00
CA VAL A 281 -16.60 -3.43 -1.18
C VAL A 281 -18.01 -3.14 -0.72
N ARG A 282 -18.98 -3.30 -1.62
CA ARG A 282 -20.37 -2.98 -1.30
C ARG A 282 -21.07 -4.16 -0.61
N TYR A 283 -21.06 -5.33 -1.25
CA TYR A 283 -21.78 -6.48 -0.75
C TYR A 283 -21.02 -7.76 -1.09
N LEU A 284 -21.20 -8.78 -0.25
CA LEU A 284 -20.85 -10.17 -0.60
C LEU A 284 -22.01 -11.04 -0.13
N LYS A 285 -22.96 -11.28 -1.03
CA LYS A 285 -24.19 -11.97 -0.70
C LYS A 285 -24.01 -13.46 -0.93
N VAL A 286 -24.21 -14.25 0.14
CA VAL A 286 -24.14 -15.70 0.07
C VAL A 286 -25.54 -16.26 -0.01
N PHE A 287 -25.78 -17.17 -0.95
CA PHE A 287 -27.10 -17.75 -1.15
C PHE A 287 -26.94 -19.28 -1.07
N GLU A 288 -27.60 -19.89 -0.08
CA GLU A 288 -27.63 -21.34 0.03
C GLU A 288 -29.02 -21.85 -0.23
N PRO A 289 -29.25 -22.52 -1.35
CA PRO A 289 -30.57 -23.09 -1.64
C PRO A 289 -30.94 -24.22 -0.70
N LYS A 290 -30.08 -25.24 -0.69
CA LYS A 290 -30.40 -26.50 -0.02
C LYS A 290 -30.43 -26.33 1.49
N LEU A 291 -29.38 -25.75 2.06
CA LEU A 291 -29.24 -25.73 3.50
C LEU A 291 -29.91 -24.49 4.10
N ASN A 292 -30.36 -24.65 5.34
CA ASN A 292 -31.23 -23.67 6.00
C ASN A 292 -30.48 -22.50 6.61
N TYR A 293 -29.51 -21.95 5.88
CA TYR A 293 -28.97 -20.65 6.25
C TYR A 293 -29.04 -19.71 5.05
N SER A 294 -29.22 -18.43 5.35
CA SER A 294 -29.37 -17.39 4.33
C SER A 294 -28.25 -16.37 4.50
N ASP A 295 -28.36 -15.29 3.73
CA ASP A 295 -27.27 -14.32 3.64
C ASP A 295 -27.03 -13.64 4.97
N HIS A 296 -28.10 -13.15 5.61
CA HIS A 296 -27.85 -12.41 6.86
C HIS A 296 -27.43 -13.31 8.00
N ASP A 297 -27.09 -14.58 7.77
CA ASP A 297 -26.49 -15.46 8.77
C ASP A 297 -24.98 -15.51 8.73
N VAL A 298 -24.36 -15.10 7.64
CA VAL A 298 -22.93 -15.28 7.47
C VAL A 298 -22.20 -14.14 8.15
N ILE A 299 -21.23 -14.48 9.00
CA ILE A 299 -20.34 -13.47 9.57
C ILE A 299 -19.38 -13.05 8.48
N LYS A 300 -19.36 -11.74 8.17
CA LYS A 300 -18.53 -11.20 7.11
C LYS A 300 -17.56 -10.17 7.68
N TRP A 301 -16.33 -10.20 7.18
CA TRP A 301 -15.28 -9.30 7.62
C TRP A 301 -14.50 -8.82 6.40
N VAL A 302 -13.97 -7.60 6.49
CA VAL A 302 -13.25 -7.02 5.37
C VAL A 302 -12.11 -6.19 5.91
N ARG A 303 -10.92 -6.33 5.33
CA ARG A 303 -9.88 -5.35 5.59
C ARG A 303 -9.25 -4.89 4.29
N TYR A 304 -8.73 -3.66 4.30
CA TYR A 304 -7.96 -3.12 3.20
C TYR A 304 -6.52 -2.95 3.64
N ILE A 305 -5.58 -3.38 2.79
CA ILE A 305 -4.17 -3.29 3.12
C ILE A 305 -3.41 -2.79 1.90
N GLY A 306 -3.35 -1.47 1.75
CA GLY A 306 -2.56 -0.88 0.71
C GLY A 306 -1.13 -0.78 1.19
N ARG A 307 -0.21 -1.20 0.34
CA ARG A 307 1.19 -1.05 0.63
C ARG A 307 1.84 -0.32 -0.54
N SER A 308 2.92 0.38 -0.20
CA SER A 308 3.84 0.93 -1.17
C SER A 308 4.42 -0.14 -2.09
N GLY A 309 4.28 0.06 -3.39
CA GLY A 309 5.15 -0.62 -4.34
C GLY A 309 6.48 0.09 -4.46
N ILE A 310 6.78 0.58 -5.66
CA ILE A 310 7.86 1.53 -5.86
C ILE A 310 7.28 2.93 -5.69
N TYR A 311 7.86 3.70 -4.78
CA TYR A 311 7.26 4.95 -4.33
C TYR A 311 8.41 5.92 -4.08
N GLU A 312 8.71 6.73 -5.09
CA GLU A 312 9.95 7.49 -5.14
C GLU A 312 9.69 8.94 -5.53
N THR A 313 10.25 9.85 -4.76
CA THR A 313 10.28 11.27 -5.10
C THR A 313 11.64 11.61 -5.68
N ARG A 314 11.67 12.11 -6.91
CA ARG A 314 12.96 12.53 -7.46
C ARG A 314 13.45 13.77 -6.71
N CYS A 315 14.76 13.95 -6.69
CA CYS A 315 15.29 15.13 -6.01
C CYS A 315 16.59 15.65 -6.67
N ASP B 5 -4.59 -5.34 14.45
CA ASP B 5 -5.48 -6.50 14.55
C ASP B 5 -6.05 -6.96 13.16
N GLY B 6 -6.91 -8.00 13.12
CA GLY B 6 -7.42 -8.37 11.82
C GLY B 6 -8.21 -7.26 11.10
N TYR B 7 -9.52 -7.51 11.01
CA TYR B 7 -10.52 -6.90 10.13
C TYR B 7 -11.54 -6.10 10.94
N MET B 8 -12.45 -5.49 10.20
CA MET B 8 -13.65 -4.82 10.68
C MET B 8 -14.85 -5.42 9.96
N PRO B 9 -16.03 -5.36 10.57
CA PRO B 9 -17.17 -6.13 10.06
C PRO B 9 -17.85 -5.43 8.91
N MET B 10 -18.23 -6.22 7.93
CA MET B 10 -18.78 -5.71 6.69
C MET B 10 -20.05 -4.93 6.88
#